data_6EIX
#
_entry.id   6EIX
#
_cell.length_a   81.560
_cell.length_b   66.990
_cell.length_c   62.220
_cell.angle_alpha   90.00
_cell.angle_beta   91.04
_cell.angle_gamma   90.00
#
_symmetry.space_group_name_H-M   'C 1 2 1'
#
loop_
_entity.id
_entity.type
_entity.pdbx_description
1 polymer 'Activin receptor type-1'
2 non-polymer 3-[6-amino-5-(3,4,5-trimethoxyphenyl)pyridin-3-yl]phenol
3 non-polymer 1,2-ETHANEDIOL
4 water water
#
_entity_poly.entity_id   1
_entity_poly.type   'polypeptide(L)'
_entity_poly.pdbx_seq_one_letter_code
;SMTTNVGDSTLADLLDHSCTSGSGSGLPFLVQRTVAREITLLECVGKGRYGEVWRGSWQGENVAVKIFSSRDEKSWFRET
ELYNTVMLRHENILGFIASDMTSRHSSTQLWLITHYHEMGSLYDYLQLTTLDTVSCLRIVLSIASGLAHLHIEIFGTQGK
PAIAHRDLKSKNILVKKNGQCCIADLGLAVMHSQSTNQLDVGNNPRVGTKRYMAPEVLDETIQVDCFDSYKRVDIWAFGL
VLWEVARRMVSNGIVEDYKPPFYDVVPNDPSFEDMRKVVCVDQQRPNIPNRWFSDPTLTSLAKLMKECWYQNPSARLTAL
RIKKTLTKIDNSLDKLKTDC
;
_entity_poly.pdbx_strand_id   A
#
# COMPACT_ATOMS: atom_id res chain seq x y z
N SER A 23 3.64 -4.09 -24.15
CA SER A 23 4.27 -5.00 -23.16
C SER A 23 4.07 -4.48 -21.74
N GLY A 24 4.07 -5.38 -20.76
CA GLY A 24 3.94 -5.02 -19.35
C GLY A 24 2.50 -4.99 -18.87
N SER A 25 2.15 -3.94 -18.11
CA SER A 25 0.81 -3.83 -17.50
C SER A 25 -0.15 -2.86 -18.21
N GLY A 26 0.40 -1.89 -18.94
CA GLY A 26 -0.40 -0.85 -19.58
C GLY A 26 -0.26 -0.88 -21.09
N LEU A 27 -0.22 0.31 -21.68
CA LEU A 27 -0.22 0.47 -23.13
C LEU A 27 1.15 0.15 -23.74
N PRO A 28 1.20 -0.08 -25.08
CA PRO A 28 2.49 -0.16 -25.79
C PRO A 28 3.29 1.14 -25.67
N PHE A 29 4.62 1.05 -25.70
CA PHE A 29 5.48 2.16 -25.27
C PHE A 29 5.34 3.46 -26.07
N LEU A 30 5.15 3.36 -27.38
CA LEU A 30 4.93 4.55 -28.23
C LEU A 30 3.56 5.15 -27.92
N VAL A 31 2.58 4.28 -27.69
CA VAL A 31 1.21 4.71 -27.35
C VAL A 31 1.17 5.39 -25.96
N GLN A 32 2.06 4.97 -25.06
CA GLN A 32 2.19 5.61 -23.75
C GLN A 32 2.64 7.08 -23.88
N ARG A 33 3.57 7.35 -24.81
CA ARG A 33 4.00 8.73 -25.11
C ARG A 33 2.83 9.55 -25.64
N THR A 34 2.07 8.98 -26.57
CA THR A 34 0.95 9.68 -27.20
C THR A 34 -0.16 10.05 -26.22
N VAL A 35 -0.61 9.08 -25.43
CA VAL A 35 -1.63 9.32 -24.41
C VAL A 35 -1.19 10.41 -23.42
N ALA A 36 0.07 10.37 -22.99
CA ALA A 36 0.60 11.32 -22.00
C ALA A 36 0.62 12.75 -22.53
N ARG A 37 0.95 12.91 -23.81
CA ARG A 37 1.04 14.24 -24.42
C ARG A 37 -0.34 14.83 -24.64
N GLU A 38 -1.36 13.97 -24.71
CA GLU A 38 -2.73 14.41 -25.01
C GLU A 38 -3.61 14.66 -23.79
N ILE A 39 -3.14 14.19 -22.63
CA ILE A 39 -3.84 14.38 -21.36
C ILE A 39 -3.86 15.84 -20.96
N THR A 40 -5.02 16.34 -20.52
CA THR A 40 -5.06 17.66 -19.86
C THR A 40 -5.18 17.48 -18.34
N LEU A 41 -4.48 18.31 -17.58
CA LEU A 41 -4.61 18.31 -16.12
C LEU A 41 -5.78 19.19 -15.77
N LEU A 42 -6.73 18.66 -15.00
CA LEU A 42 -7.94 19.38 -14.67
C LEU A 42 -7.80 20.03 -13.30
N GLU A 43 -7.49 19.24 -12.30
CA GLU A 43 -7.32 19.80 -10.97
C GLU A 43 -6.38 18.96 -10.16
N CYS A 44 -5.69 19.62 -9.23
CA CYS A 44 -4.70 18.98 -8.39
C CYS A 44 -5.39 18.47 -7.14
N VAL A 45 -5.14 17.21 -6.79
CA VAL A 45 -5.76 16.58 -5.63
C VAL A 45 -4.76 16.21 -4.52
N GLY A 46 -3.48 16.46 -4.76
CA GLY A 46 -2.45 16.14 -3.79
C GLY A 46 -1.14 16.81 -4.21
N LYS A 47 -0.49 17.47 -3.25
CA LYS A 47 0.82 18.11 -3.44
C LYS A 47 1.63 17.93 -2.15
N GLY A 48 2.92 17.63 -2.29
CA GLY A 48 3.78 17.40 -1.13
C GLY A 48 5.25 17.36 -1.52
N ARG A 49 6.11 17.03 -0.55
CA ARG A 49 7.56 16.94 -0.79
C ARG A 49 7.86 15.98 -1.95
N TYR A 50 7.08 14.90 -1.99
CA TYR A 50 7.13 13.87 -3.05
C TYR A 50 6.79 14.34 -4.49
N GLY A 51 6.05 15.43 -4.62
CA GLY A 51 5.51 15.82 -5.93
C GLY A 51 4.02 16.09 -5.88
N GLU A 52 3.32 15.77 -6.97
CA GLU A 52 1.92 16.18 -7.14
C GLU A 52 1.08 15.06 -7.74
N VAL A 53 -0.18 14.95 -7.29
CA VAL A 53 -1.15 14.11 -7.97
C VAL A 53 -2.29 14.98 -8.49
N TRP A 54 -2.65 14.74 -9.74
CA TRP A 54 -3.68 15.52 -10.43
C TRP A 54 -4.80 14.62 -10.95
N ARG A 55 -6.04 15.11 -10.94
CA ARG A 55 -7.07 14.55 -11.83
C ARG A 55 -6.90 15.16 -13.22
N GLY A 56 -6.87 14.30 -14.23
CA GLY A 56 -6.70 14.72 -15.61
C GLY A 56 -7.67 13.99 -16.53
N SER A 57 -7.60 14.30 -17.82
CA SER A 57 -8.57 13.75 -18.76
C SER A 57 -7.90 13.36 -20.05
N TRP A 58 -8.18 12.15 -20.50
CA TRP A 58 -7.85 11.76 -21.86
C TRP A 58 -9.16 11.33 -22.52
N GLN A 59 -9.56 12.07 -23.57
CA GLN A 59 -10.78 11.80 -24.33
C GLN A 59 -12.04 11.68 -23.48
N GLY A 60 -12.17 12.58 -22.52
CA GLY A 60 -13.33 12.58 -21.65
C GLY A 60 -13.35 11.51 -20.58
N GLU A 61 -12.22 10.82 -20.39
CA GLU A 61 -12.07 9.85 -19.30
C GLU A 61 -11.04 10.33 -18.29
N ASN A 62 -11.49 10.44 -17.05
CA ASN A 62 -10.64 10.64 -15.90
C ASN A 62 -9.48 9.66 -15.84
N VAL A 63 -8.28 10.20 -15.62
CA VAL A 63 -7.08 9.43 -15.26
C VAL A 63 -6.39 10.15 -14.09
N ALA A 64 -5.49 9.46 -13.41
CA ALA A 64 -4.69 10.07 -12.32
C ALA A 64 -3.29 10.31 -12.85
N VAL A 65 -2.77 11.51 -12.62
CA VAL A 65 -1.44 11.89 -13.09
C VAL A 65 -0.56 12.30 -11.94
N LYS A 66 0.54 11.56 -11.74
CA LYS A 66 1.49 11.92 -10.69
C LYS A 66 2.72 12.56 -11.34
N ILE A 67 3.08 13.75 -10.89
CA ILE A 67 4.34 14.33 -11.30
C ILE A 67 5.32 14.24 -10.14
N PHE A 68 6.44 13.56 -10.36
CA PHE A 68 7.40 13.30 -9.28
C PHE A 68 8.27 14.53 -9.03
N SER A 69 8.56 14.82 -7.76
CA SER A 69 9.52 15.88 -7.42
C SER A 69 10.92 15.34 -7.64
N SER A 70 11.89 16.24 -7.69
CA SER A 70 13.29 15.86 -7.89
C SER A 70 13.89 15.16 -6.66
N ARG A 71 13.23 15.30 -5.51
CA ARG A 71 13.60 14.54 -4.31
C ARG A 71 13.30 13.02 -4.41
N ASP A 72 12.47 12.62 -5.38
CA ASP A 72 12.01 11.23 -5.44
C ASP A 72 11.95 10.71 -6.89
N GLU A 73 12.99 11.01 -7.66
CA GLU A 73 13.05 10.58 -9.05
C GLU A 73 13.28 9.08 -9.21
N LYS A 74 14.07 8.49 -8.29
CA LYS A 74 14.38 7.06 -8.35
C LYS A 74 13.13 6.18 -8.20
N SER A 75 12.10 6.67 -7.49
CA SER A 75 10.81 5.96 -7.40
C SER A 75 10.04 5.90 -8.73
N TRP A 76 10.17 6.95 -9.55
CA TRP A 76 9.61 6.95 -10.90
C TRP A 76 10.21 5.84 -11.73
N PHE A 77 11.54 5.77 -11.74
CA PHE A 77 12.28 4.75 -12.48
C PHE A 77 11.88 3.32 -12.06
N ARG A 78 11.89 3.07 -10.75
CA ARG A 78 11.55 1.75 -10.20
C ARG A 78 10.11 1.34 -10.54
N GLU A 79 9.16 2.24 -10.29
CA GLU A 79 7.74 1.97 -10.56
C GLU A 79 7.46 1.77 -12.05
N THR A 80 8.09 2.59 -12.89
CA THR A 80 7.94 2.51 -14.35
C THR A 80 8.53 1.21 -14.90
N GLU A 81 9.74 0.88 -14.47
CA GLU A 81 10.40 -0.35 -14.89
C GLU A 81 9.60 -1.57 -14.48
N LEU A 82 9.05 -1.54 -13.27
CA LEU A 82 8.24 -2.63 -12.76
C LEU A 82 6.99 -2.85 -13.63
N TYR A 83 6.11 -1.85 -13.72
CA TYR A 83 4.84 -2.01 -14.44
C TYR A 83 5.01 -2.34 -15.92
N ASN A 84 6.15 -1.98 -16.52
CA ASN A 84 6.41 -2.24 -17.94
C ASN A 84 7.12 -3.56 -18.28
N THR A 85 7.84 -4.13 -17.30
CA THR A 85 8.53 -5.40 -17.48
C THR A 85 7.81 -6.61 -16.82
N VAL A 86 6.69 -6.35 -16.15
CA VAL A 86 5.95 -7.37 -15.42
C VAL A 86 4.46 -7.25 -15.75
N MET A 87 3.77 -8.38 -15.88
CA MET A 87 2.31 -8.36 -16.01
C MET A 87 1.68 -8.18 -14.63
N LEU A 88 1.36 -6.95 -14.29
CA LEU A 88 0.70 -6.62 -13.02
C LEU A 88 -0.68 -6.05 -13.27
N ARG A 89 -1.64 -6.94 -13.44
CA ARG A 89 -3.03 -6.55 -13.55
C ARG A 89 -3.85 -7.31 -12.52
N HIS A 90 -4.52 -6.55 -11.66
CA HIS A 90 -5.34 -7.13 -10.61
C HIS A 90 -6.25 -6.02 -10.12
N GLU A 91 -7.47 -6.37 -9.74
CA GLU A 91 -8.43 -5.34 -9.38
C GLU A 91 -8.08 -4.59 -8.08
N ASN A 92 -7.18 -5.16 -7.29
CA ASN A 92 -6.69 -4.54 -6.05
C ASN A 92 -5.24 -4.03 -6.12
N ILE A 93 -4.77 -3.80 -7.34
CA ILE A 93 -3.51 -3.08 -7.53
C ILE A 93 -3.77 -1.95 -8.50
N LEU A 94 -3.37 -0.73 -8.14
CA LEU A 94 -3.69 0.45 -8.93
C LEU A 94 -3.36 0.24 -10.40
N GLY A 95 -4.37 0.41 -11.26
CA GLY A 95 -4.19 0.17 -12.71
C GLY A 95 -3.27 1.16 -13.37
N PHE A 96 -2.08 0.68 -13.76
CA PHE A 96 -1.12 1.47 -14.51
C PHE A 96 -1.56 1.60 -15.95
N ILE A 97 -1.41 2.80 -16.50
CA ILE A 97 -1.78 3.12 -17.89
C ILE A 97 -0.55 3.52 -18.69
N ALA A 98 0.22 4.47 -18.17
CA ALA A 98 1.38 4.99 -18.87
C ALA A 98 2.34 5.81 -17.99
N SER A 99 3.57 5.94 -18.48
CA SER A 99 4.63 6.73 -17.85
C SER A 99 5.39 7.54 -18.91
N ASP A 100 5.81 8.76 -18.58
CA ASP A 100 6.48 9.62 -19.56
C ASP A 100 7.45 10.61 -18.94
N MET A 101 8.45 11.00 -19.74
CA MET A 101 9.41 12.03 -19.40
C MET A 101 9.15 13.20 -20.35
N THR A 102 8.99 14.41 -19.82
CA THR A 102 8.81 15.63 -20.65
C THR A 102 9.78 16.73 -20.21
N SER A 103 9.77 17.85 -20.93
CA SER A 103 10.68 18.96 -20.62
C SER A 103 9.94 20.31 -20.69
N ARG A 104 8.95 20.48 -19.82
CA ARG A 104 8.01 21.61 -19.87
C ARG A 104 8.64 22.98 -20.13
N HIS A 105 9.46 23.47 -19.21
CA HIS A 105 10.09 24.80 -19.35
C HIS A 105 11.27 24.97 -18.41
N SER A 106 12.49 25.02 -18.98
CA SER A 106 13.75 25.06 -18.21
C SER A 106 13.87 23.94 -17.16
N SER A 107 13.13 22.86 -17.38
CA SER A 107 13.10 21.74 -16.44
C SER A 107 12.43 20.53 -17.10
N THR A 108 12.64 19.36 -16.50
CA THR A 108 12.12 18.11 -17.02
C THR A 108 11.10 17.53 -16.04
N GLN A 109 10.15 16.74 -16.54
CA GLN A 109 9.08 16.21 -15.68
C GLN A 109 8.86 14.72 -15.88
N LEU A 110 8.67 14.02 -14.77
CA LEU A 110 8.42 12.57 -14.73
C LEU A 110 6.96 12.27 -14.34
N TRP A 111 6.24 11.61 -15.24
CA TRP A 111 4.80 11.45 -15.14
C TRP A 111 4.48 9.97 -14.95
N LEU A 112 3.53 9.70 -14.04
CA LEU A 112 2.91 8.38 -13.92
C LEU A 112 1.43 8.59 -14.07
N ILE A 113 0.81 7.83 -14.96
CA ILE A 113 -0.61 7.89 -15.21
C ILE A 113 -1.26 6.57 -14.83
N THR A 114 -2.37 6.65 -14.07
CA THR A 114 -3.11 5.48 -13.64
C THR A 114 -4.62 5.72 -13.73
N HIS A 115 -5.41 4.70 -13.41
CA HIS A 115 -6.84 4.90 -13.21
C HIS A 115 -7.07 5.98 -12.14
N TYR A 116 -8.21 6.65 -12.24
CA TYR A 116 -8.59 7.66 -11.29
C TYR A 116 -9.64 7.11 -10.34
N HIS A 117 -9.39 7.23 -9.04
CA HIS A 117 -10.33 6.78 -8.02
C HIS A 117 -10.84 7.95 -7.19
N GLU A 118 -12.07 8.35 -7.51
CA GLU A 118 -12.61 9.62 -7.05
C GLU A 118 -12.89 9.69 -5.54
N MET A 119 -13.05 8.53 -4.90
CA MET A 119 -13.25 8.49 -3.44
C MET A 119 -11.94 8.70 -2.70
N GLY A 120 -10.83 8.58 -3.42
CA GLY A 120 -9.53 8.93 -2.89
C GLY A 120 -8.92 7.91 -1.97
N SER A 121 -7.93 8.34 -1.18
CA SER A 121 -7.19 7.42 -0.34
C SER A 121 -8.07 6.89 0.78
N LEU A 122 -7.72 5.70 1.25
CA LEU A 122 -8.38 5.13 2.41
C LEU A 122 -8.19 6.05 3.64
N TYR A 123 -6.98 6.60 3.78
CA TYR A 123 -6.71 7.65 4.79
C TYR A 123 -7.80 8.75 4.80
N ASP A 124 -8.11 9.34 3.65
CA ASP A 124 -9.16 10.39 3.59
C ASP A 124 -10.55 9.82 3.83
N TYR A 125 -10.78 8.64 3.25
CA TYR A 125 -12.08 8.00 3.30
C TYR A 125 -12.45 7.62 4.73
N LEU A 126 -11.51 7.06 5.48
CA LEU A 126 -11.77 6.69 6.88
C LEU A 126 -12.12 7.89 7.77
N GLN A 127 -11.59 9.07 7.42
CA GLN A 127 -11.89 10.27 8.17
C GLN A 127 -13.29 10.82 7.92
N LEU A 128 -13.94 10.41 6.83
CA LEU A 128 -15.24 10.99 6.46
C LEU A 128 -16.44 10.05 6.58
N THR A 129 -16.20 8.77 6.76
CA THR A 129 -17.29 7.81 6.85
C THR A 129 -16.98 6.71 7.86
N THR A 130 -18.03 6.14 8.45
CA THR A 130 -17.96 4.95 9.29
C THR A 130 -18.44 3.76 8.45
N LEU A 131 -18.16 2.57 8.96
CA LEU A 131 -18.36 1.32 8.22
C LEU A 131 -19.27 0.36 8.96
N ASP A 132 -19.91 -0.53 8.20
CA ASP A 132 -20.57 -1.70 8.80
C ASP A 132 -19.69 -2.91 8.54
N THR A 133 -20.17 -4.10 8.90
CA THR A 133 -19.33 -5.30 8.89
C THR A 133 -18.93 -5.66 7.47
N VAL A 134 -19.92 -5.62 6.58
CA VAL A 134 -19.71 -5.93 5.18
C VAL A 134 -18.70 -4.99 4.55
N SER A 135 -18.83 -3.69 4.82
CA SER A 135 -17.96 -2.70 4.19
C SER A 135 -16.55 -2.74 4.75
N CYS A 136 -16.42 -3.00 6.04
CA CYS A 136 -15.12 -3.16 6.67
C CYS A 136 -14.39 -4.34 6.06
N LEU A 137 -15.07 -5.49 6.00
CA LEU A 137 -14.48 -6.69 5.44
C LEU A 137 -14.19 -6.57 3.96
N ARG A 138 -15.06 -5.91 3.19
CA ARG A 138 -14.76 -5.71 1.78
C ARG A 138 -13.47 -4.91 1.61
N ILE A 139 -13.26 -3.94 2.49
CA ILE A 139 -12.06 -3.14 2.46
C ILE A 139 -10.81 -3.95 2.79
N VAL A 140 -10.78 -4.60 3.95
CA VAL A 140 -9.58 -5.34 4.37
C VAL A 140 -9.35 -6.60 3.52
N LEU A 141 -10.41 -7.27 3.08
CA LEU A 141 -10.24 -8.44 2.19
C LEU A 141 -9.64 -8.05 0.83
N SER A 142 -10.03 -6.90 0.28
CA SER A 142 -9.51 -6.50 -1.05
C SER A 142 -8.02 -6.12 -0.96
N ILE A 143 -7.62 -5.54 0.17
CA ILE A 143 -6.22 -5.17 0.44
C ILE A 143 -5.37 -6.44 0.54
N ALA A 144 -5.86 -7.42 1.31
CA ALA A 144 -5.21 -8.70 1.42
C ALA A 144 -5.02 -9.39 0.07
N SER A 145 -6.05 -9.35 -0.78
CA SER A 145 -5.98 -9.97 -2.11
C SER A 145 -4.91 -9.33 -2.96
N GLY A 146 -4.80 -8.01 -2.88
CA GLY A 146 -3.82 -7.26 -3.62
C GLY A 146 -2.41 -7.56 -3.15
N LEU A 147 -2.24 -7.57 -1.83
CA LEU A 147 -0.92 -7.81 -1.24
C LEU A 147 -0.48 -9.28 -1.48
N ALA A 148 -1.39 -10.24 -1.34
CA ALA A 148 -1.07 -11.62 -1.66
C ALA A 148 -0.72 -11.80 -3.12
N HIS A 149 -1.42 -11.08 -4.01
CA HIS A 149 -1.10 -11.14 -5.42
C HIS A 149 0.29 -10.59 -5.71
N LEU A 150 0.67 -9.50 -5.05
CA LEU A 150 2.03 -8.98 -5.17
C LEU A 150 3.06 -10.00 -4.69
N HIS A 151 2.86 -10.50 -3.48
CA HIS A 151 3.84 -11.40 -2.82
C HIS A 151 4.08 -12.72 -3.55
N ILE A 152 3.05 -13.22 -4.24
CA ILE A 152 3.08 -14.57 -4.80
C ILE A 152 3.61 -14.59 -6.22
N GLU A 153 4.55 -15.50 -6.47
CA GLU A 153 5.12 -15.72 -7.80
C GLU A 153 4.17 -16.47 -8.73
N ILE A 154 4.15 -16.06 -9.99
CA ILE A 154 3.41 -16.77 -11.03
C ILE A 154 4.43 -17.20 -12.10
N PHE A 155 4.47 -18.50 -12.40
CA PHE A 155 5.40 -19.07 -13.39
C PHE A 155 4.78 -19.07 -14.78
N GLY A 156 5.57 -19.45 -15.77
CA GLY A 156 5.17 -19.35 -17.17
C GLY A 156 5.36 -17.94 -17.67
N THR A 157 5.30 -17.76 -18.99
CA THR A 157 5.55 -16.46 -19.62
C THR A 157 4.44 -15.43 -19.30
N GLN A 158 3.29 -15.91 -18.85
CA GLN A 158 2.20 -15.03 -18.43
C GLN A 158 2.44 -14.34 -17.08
N GLY A 159 3.29 -14.96 -16.25
CA GLY A 159 3.32 -14.68 -14.82
C GLY A 159 4.09 -13.46 -14.36
N LYS A 160 4.61 -13.55 -13.13
CA LYS A 160 5.24 -12.43 -12.45
C LYS A 160 6.17 -12.92 -11.34
N PRO A 161 7.21 -12.14 -11.03
CA PRO A 161 7.99 -12.43 -9.85
C PRO A 161 7.21 -12.09 -8.58
N ALA A 162 7.69 -12.58 -7.45
CA ALA A 162 7.22 -12.16 -6.14
C ALA A 162 7.61 -10.70 -5.92
N ILE A 163 6.71 -9.91 -5.34
CA ILE A 163 6.95 -8.47 -5.13
C ILE A 163 6.59 -8.06 -3.71
N ALA A 164 7.51 -7.40 -3.01
CA ALA A 164 7.18 -6.77 -1.73
C ALA A 164 7.12 -5.24 -1.90
N HIS A 165 6.19 -4.59 -1.21
CA HIS A 165 5.83 -3.18 -1.46
C HIS A 165 6.80 -2.20 -0.76
N ARG A 166 6.96 -2.41 0.55
CA ARG A 166 7.88 -1.66 1.44
C ARG A 166 7.46 -0.27 1.94
N ASP A 167 6.31 0.23 1.50
CA ASP A 167 5.73 1.48 2.04
C ASP A 167 4.20 1.43 2.08
N LEU A 168 3.69 0.31 2.54
CA LEU A 168 2.27 0.13 2.72
C LEU A 168 1.75 1.03 3.86
N LYS A 169 0.65 1.74 3.60
CA LYS A 169 -0.01 2.58 4.60
C LYS A 169 -1.35 3.03 4.04
N SER A 170 -2.19 3.65 4.88
CA SER A 170 -3.56 4.00 4.47
C SER A 170 -3.60 5.04 3.33
N LYS A 171 -2.55 5.87 3.26
CA LYS A 171 -2.42 6.83 2.15
C LYS A 171 -2.08 6.18 0.82
N ASN A 172 -1.57 4.96 0.85
CA ASN A 172 -1.19 4.25 -0.39
C ASN A 172 -2.20 3.20 -0.78
N ILE A 173 -3.41 3.34 -0.27
CA ILE A 173 -4.52 2.46 -0.61
C ILE A 173 -5.64 3.39 -1.03
N LEU A 174 -6.20 3.14 -2.21
CA LEU A 174 -7.33 3.93 -2.73
C LEU A 174 -8.61 3.13 -2.63
N VAL A 175 -9.72 3.82 -2.39
CA VAL A 175 -11.04 3.21 -2.39
C VAL A 175 -11.67 3.38 -3.77
N LYS A 176 -12.00 2.26 -4.40
CA LYS A 176 -12.68 2.23 -5.67
C LYS A 176 -14.18 2.40 -5.43
N LYS A 177 -14.93 2.60 -6.51
CA LYS A 177 -16.37 2.87 -6.42
C LYS A 177 -17.20 1.75 -5.83
N ASN A 178 -16.75 0.51 -6.04
CA ASN A 178 -17.48 -0.68 -5.60
C ASN A 178 -17.27 -1.06 -4.13
N GLY A 179 -16.51 -0.26 -3.40
CA GLY A 179 -16.26 -0.52 -1.98
C GLY A 179 -14.98 -1.29 -1.74
N GLN A 180 -14.41 -1.83 -2.81
CA GLN A 180 -13.09 -2.46 -2.73
C GLN A 180 -12.02 -1.41 -2.85
N CYS A 181 -10.80 -1.79 -2.45
CA CYS A 181 -9.62 -0.93 -2.51
C CYS A 181 -8.56 -1.46 -3.48
N CYS A 182 -7.61 -0.60 -3.83
CA CYS A 182 -6.39 -1.04 -4.54
C CYS A 182 -5.12 -0.44 -3.93
N ILE A 183 -4.06 -1.21 -3.94
CA ILE A 183 -2.77 -0.75 -3.43
C ILE A 183 -2.03 0.07 -4.51
N ALA A 184 -1.42 1.17 -4.07
CA ALA A 184 -0.67 2.08 -4.95
C ALA A 184 0.77 2.26 -4.53
N ASP A 185 1.57 2.79 -5.46
CA ASP A 185 2.92 3.29 -5.22
C ASP A 185 3.91 2.13 -5.03
N LEU A 186 4.41 1.66 -6.16
CA LEU A 186 5.40 0.59 -6.20
C LEU A 186 6.84 1.10 -6.36
N GLY A 187 7.06 2.35 -5.98
CA GLY A 187 8.38 2.97 -6.12
C GLY A 187 9.50 2.39 -5.25
N LEU A 188 9.13 1.74 -4.15
CA LEU A 188 10.11 1.07 -3.28
C LEU A 188 10.10 -0.46 -3.43
N ALA A 189 9.36 -0.98 -4.40
CA ALA A 189 9.20 -2.43 -4.53
C ALA A 189 10.52 -3.17 -4.73
N VAL A 190 10.59 -4.39 -4.17
CA VAL A 190 11.68 -5.33 -4.43
C VAL A 190 11.07 -6.59 -5.04
N MET A 191 11.87 -7.29 -5.84
CA MET A 191 11.37 -8.44 -6.57
C MET A 191 12.24 -9.66 -6.36
N HIS A 192 11.61 -10.82 -6.52
CA HIS A 192 12.25 -12.10 -6.33
C HIS A 192 11.68 -13.14 -7.28
N SER A 193 12.56 -13.99 -7.81
CA SER A 193 12.13 -15.18 -8.54
C SER A 193 12.77 -16.44 -7.97
N GLN A 194 12.02 -17.53 -7.99
CA GLN A 194 12.56 -18.85 -7.66
C GLN A 194 13.44 -19.42 -8.79
N SER A 195 13.40 -18.80 -9.97
CA SER A 195 14.27 -19.18 -11.09
C SER A 195 15.76 -19.12 -10.71
N THR A 196 16.11 -18.03 -10.04
CA THR A 196 17.48 -17.78 -9.64
C THR A 196 17.68 -17.76 -8.11
N ASN A 197 16.57 -17.75 -7.37
CA ASN A 197 16.56 -17.31 -5.97
C ASN A 197 17.22 -15.93 -5.80
N GLN A 198 17.20 -15.13 -6.88
CA GLN A 198 17.83 -13.81 -6.88
C GLN A 198 16.86 -12.74 -6.44
N LEU A 199 17.42 -11.73 -5.78
CA LEU A 199 16.70 -10.65 -5.18
C LEU A 199 17.06 -9.37 -5.93
N ASP A 200 16.04 -8.64 -6.38
CA ASP A 200 16.21 -7.37 -7.07
C ASP A 200 15.75 -6.24 -6.15
N VAL A 201 16.69 -5.60 -5.47
CA VAL A 201 16.39 -4.52 -4.53
C VAL A 201 16.47 -3.14 -5.20
N GLY A 202 17.10 -3.08 -6.38
CA GLY A 202 17.33 -1.80 -7.06
C GLY A 202 18.24 -0.89 -6.25
N ASN A 203 18.11 0.41 -6.46
CA ASN A 203 18.74 1.41 -5.58
C ASN A 203 17.86 2.65 -5.47
N ASN A 204 17.35 2.88 -4.28
CA ASN A 204 16.52 4.02 -4.00
C ASN A 204 16.82 4.40 -2.56
N PRO A 205 17.31 5.63 -2.34
CA PRO A 205 17.61 6.07 -0.98
C PRO A 205 16.37 6.25 -0.11
N ARG A 206 15.19 6.31 -0.74
CA ARG A 206 13.92 6.45 -0.03
C ARG A 206 13.71 5.33 0.97
N VAL A 207 13.25 5.67 2.17
CA VAL A 207 12.88 4.66 3.15
C VAL A 207 11.37 4.72 3.38
N GLY A 208 10.85 3.67 4.01
CA GLY A 208 9.44 3.63 4.33
C GLY A 208 9.06 4.79 5.24
N THR A 209 7.76 5.04 5.31
CA THR A 209 7.18 5.95 6.27
C THR A 209 7.53 5.48 7.68
N LYS A 210 8.10 6.37 8.47
CA LYS A 210 8.64 6.02 9.79
C LYS A 210 7.59 5.42 10.70
N ARG A 211 6.40 6.01 10.68
CA ARG A 211 5.29 5.59 11.52
C ARG A 211 4.88 4.12 11.32
N TYR A 212 5.08 3.62 10.09
CA TYR A 212 4.76 2.24 9.71
C TYR A 212 5.99 1.29 9.69
N MET A 213 7.17 1.77 10.06
CA MET A 213 8.39 0.94 10.04
C MET A 213 8.35 -0.18 11.08
N ALA A 214 8.70 -1.37 10.62
CA ALA A 214 8.69 -2.57 11.46
C ALA A 214 9.86 -2.53 12.47
N PRO A 215 9.78 -3.30 13.55
CA PRO A 215 10.86 -3.36 14.57
C PRO A 215 12.25 -3.70 14.00
N GLU A 216 12.33 -4.73 13.17
CA GLU A 216 13.60 -5.14 12.54
C GLU A 216 14.23 -4.04 11.67
N VAL A 217 13.41 -3.14 11.13
CA VAL A 217 13.93 -1.97 10.38
C VAL A 217 14.41 -0.90 11.35
N LEU A 218 13.63 -0.63 12.37
CA LEU A 218 13.95 0.42 13.33
C LEU A 218 15.23 0.14 14.12
N ASP A 219 15.51 -1.13 14.41
CA ASP A 219 16.74 -1.51 15.13
C ASP A 219 17.83 -2.10 14.23
N GLU A 220 17.64 -1.99 12.92
CA GLU A 220 18.60 -2.43 11.91
C GLU A 220 19.10 -3.87 12.01
N THR A 221 18.20 -4.77 12.45
CA THR A 221 18.45 -6.20 12.42
C THR A 221 17.85 -6.88 11.18
N ILE A 222 17.09 -6.15 10.38
CA ILE A 222 16.45 -6.72 9.19
C ILE A 222 17.45 -7.43 8.25
N GLN A 223 17.12 -8.66 7.85
CA GLN A 223 17.96 -9.47 6.95
C GLN A 223 17.76 -8.96 5.53
N VAL A 224 18.70 -8.14 5.04
CA VAL A 224 18.55 -7.42 3.78
C VAL A 224 18.85 -8.24 2.51
N ASP A 225 19.34 -9.47 2.67
N ASP A 225 19.34 -9.47 2.70
CA ASP A 225 19.55 -10.35 1.52
CA ASP A 225 19.61 -10.42 1.62
C ASP A 225 18.46 -11.43 1.41
C ASP A 225 18.42 -11.36 1.38
N CYS A 226 17.50 -11.42 2.34
CA CYS A 226 16.40 -12.38 2.33
C CYS A 226 15.09 -11.71 1.90
N PHE A 227 14.49 -12.21 0.82
CA PHE A 227 13.26 -11.62 0.27
C PHE A 227 12.06 -11.71 1.22
N ASP A 228 12.00 -12.78 1.99
CA ASP A 228 10.96 -12.96 3.00
C ASP A 228 10.91 -11.78 3.98
N SER A 229 12.07 -11.21 4.30
CA SER A 229 12.15 -10.06 5.20
C SER A 229 11.26 -8.90 4.77
N TYR A 230 11.25 -8.63 3.47
CA TYR A 230 10.50 -7.50 2.94
C TYR A 230 9.01 -7.81 2.91
N LYS A 231 8.65 -9.03 2.57
CA LYS A 231 7.28 -9.48 2.71
C LYS A 231 6.74 -9.28 4.14
N ARG A 232 7.57 -9.55 5.15
CA ARG A 232 7.17 -9.51 6.56
C ARG A 232 7.08 -8.09 7.11
N VAL A 233 7.83 -7.19 6.49
CA VAL A 233 7.67 -5.75 6.73
C VAL A 233 6.29 -5.27 6.22
N ASP A 234 5.86 -5.78 5.07
CA ASP A 234 4.52 -5.47 4.57
C ASP A 234 3.42 -5.98 5.49
N ILE A 235 3.67 -7.10 6.15
CA ILE A 235 2.65 -7.70 7.01
C ILE A 235 2.53 -6.88 8.28
N TRP A 236 3.67 -6.49 8.85
CA TRP A 236 3.67 -5.50 9.92
C TRP A 236 2.79 -4.31 9.55
N ALA A 237 3.13 -3.66 8.43
CA ALA A 237 2.39 -2.44 8.02
C ALA A 237 0.90 -2.73 7.74
N PHE A 238 0.58 -3.93 7.25
CA PHE A 238 -0.81 -4.31 6.97
C PHE A 238 -1.61 -4.50 8.27
N GLY A 239 -0.99 -5.07 9.30
CA GLY A 239 -1.61 -5.10 10.63
C GLY A 239 -2.02 -3.72 11.10
N LEU A 240 -1.15 -2.75 10.93
CA LEU A 240 -1.44 -1.39 11.35
C LEU A 240 -2.64 -0.78 10.59
N VAL A 241 -2.69 -1.00 9.27
CA VAL A 241 -3.86 -0.59 8.43
C VAL A 241 -5.16 -1.30 8.82
N LEU A 242 -5.06 -2.60 9.12
CA LEU A 242 -6.19 -3.36 9.69
C LEU A 242 -6.76 -2.63 10.89
N TRP A 243 -5.87 -2.25 11.81
CA TRP A 243 -6.26 -1.48 13.01
C TRP A 243 -6.99 -0.18 12.64
N GLU A 244 -6.43 0.56 11.70
CA GLU A 244 -7.01 1.87 11.31
C GLU A 244 -8.42 1.71 10.82
N VAL A 245 -8.67 0.61 10.11
CA VAL A 245 -9.98 0.38 9.47
C VAL A 245 -11.02 -0.14 10.49
N ALA A 246 -10.64 -1.14 11.26
CA ALA A 246 -11.50 -1.72 12.31
C ALA A 246 -12.08 -0.68 13.29
N ARG A 247 -11.25 0.29 13.69
CA ARG A 247 -11.70 1.39 14.57
C ARG A 247 -12.93 2.11 14.02
N ARG A 248 -13.10 2.10 12.71
CA ARG A 248 -14.22 2.78 12.07
C ARG A 248 -15.44 1.89 11.77
N MET A 249 -15.38 0.59 12.09
CA MET A 249 -16.56 -0.28 12.01
C MET A 249 -17.43 -0.07 13.25
N VAL A 250 -18.69 0.31 13.02
CA VAL A 250 -19.69 0.43 14.09
C VAL A 250 -20.12 -0.96 14.59
N SER A 251 -20.19 -1.10 15.92
CA SER A 251 -20.81 -2.27 16.54
C SER A 251 -21.56 -1.80 17.77
N ASN A 252 -22.85 -2.15 17.83
CA ASN A 252 -23.73 -1.76 18.95
C ASN A 252 -23.78 -0.25 19.19
N GLY A 253 -23.77 0.52 18.09
CA GLY A 253 -23.83 1.99 18.15
C GLY A 253 -22.54 2.70 18.54
N ILE A 254 -21.47 1.93 18.76
CA ILE A 254 -20.18 2.48 19.21
C ILE A 254 -19.15 2.41 18.08
N VAL A 255 -18.34 3.45 17.97
CA VAL A 255 -17.25 3.50 16.99
C VAL A 255 -16.17 4.47 17.50
N GLU A 256 -14.93 4.28 17.07
CA GLU A 256 -13.83 5.18 17.41
C GLU A 256 -13.65 6.26 16.33
N ASP A 257 -13.02 7.37 16.71
CA ASP A 257 -12.59 8.38 15.74
C ASP A 257 -11.44 7.85 14.89
N TYR A 258 -11.29 8.32 13.65
CA TYR A 258 -10.11 7.96 12.90
C TYR A 258 -8.84 8.42 13.63
N LYS A 259 -7.84 7.53 13.71
CA LYS A 259 -6.49 7.91 14.17
C LYS A 259 -5.43 7.13 13.40
N PRO A 260 -4.27 7.75 13.18
CA PRO A 260 -3.14 7.03 12.60
C PRO A 260 -2.46 6.14 13.66
N PRO A 261 -1.75 5.08 13.20
CA PRO A 261 -0.99 4.22 14.09
C PRO A 261 -0.13 5.03 15.06
N PHE A 262 -0.16 4.65 16.34
CA PHE A 262 0.70 5.27 17.37
C PHE A 262 0.44 6.76 17.56
N TYR A 263 -0.80 7.19 17.36
CA TYR A 263 -1.16 8.60 17.49
C TYR A 263 -0.88 9.19 18.87
N ASP A 264 -0.98 8.36 19.90
CA ASP A 264 -0.99 8.83 21.28
C ASP A 264 0.40 8.91 21.92
N VAL A 265 1.43 8.53 21.18
CA VAL A 265 2.78 8.41 21.75
C VAL A 265 3.90 9.03 20.90
N VAL A 266 3.60 9.40 19.66
CA VAL A 266 4.56 10.10 18.82
C VAL A 266 3.89 11.32 18.22
N PRO A 267 4.69 12.32 17.78
CA PRO A 267 4.11 13.50 17.13
C PRO A 267 3.66 13.24 15.69
N ASN A 268 3.10 14.27 15.05
CA ASN A 268 2.90 14.25 13.61
C ASN A 268 4.28 14.26 12.98
N ASP A 269 4.47 13.50 11.91
CA ASP A 269 5.79 13.40 11.29
C ASP A 269 6.83 13.03 12.36
N PRO A 270 6.78 11.79 12.87
CA PRO A 270 7.73 11.34 13.90
C PRO A 270 9.09 11.02 13.32
N SER A 271 10.14 11.10 14.15
CA SER A 271 11.49 10.78 13.70
C SER A 271 11.72 9.28 13.76
N PHE A 272 12.88 8.86 13.23
CA PHE A 272 13.34 7.48 13.31
C PHE A 272 13.56 7.06 14.77
N GLU A 273 14.19 7.95 15.54
CA GLU A 273 14.49 7.69 16.94
C GLU A 273 13.21 7.65 17.79
N ASP A 274 12.29 8.57 17.51
CA ASP A 274 10.97 8.58 18.16
C ASP A 274 10.35 7.21 18.06
N MET A 275 10.31 6.69 16.84
CA MET A 275 9.61 5.45 16.54
C MET A 275 10.35 4.24 17.14
N ARG A 276 11.67 4.25 17.05
CA ARG A 276 12.50 3.17 17.63
C ARG A 276 12.31 3.06 19.13
N LYS A 277 12.20 4.21 19.80
CA LYS A 277 11.90 4.28 21.23
C LYS A 277 10.53 3.66 21.54
N VAL A 278 9.51 4.06 20.79
CA VAL A 278 8.15 3.54 20.98
C VAL A 278 8.02 2.02 20.69
N VAL A 279 8.54 1.61 19.53
CA VAL A 279 8.31 0.26 19.00
C VAL A 279 9.32 -0.78 19.55
N CYS A 280 10.59 -0.43 19.64
CA CYS A 280 11.64 -1.40 20.05
C CYS A 280 11.95 -1.37 21.54
N VAL A 281 12.21 -0.19 22.08
CA VAL A 281 12.61 -0.08 23.48
C VAL A 281 11.40 -0.34 24.38
N ASP A 282 10.32 0.41 24.16
CA ASP A 282 9.10 0.27 24.95
C ASP A 282 8.16 -0.84 24.50
N GLN A 283 8.44 -1.47 23.36
CA GLN A 283 7.63 -2.60 22.89
C GLN A 283 6.14 -2.25 22.68
N GLN A 284 5.84 -0.98 22.40
CA GLN A 284 4.43 -0.57 22.26
C GLN A 284 3.77 -1.14 20.99
N ARG A 285 2.48 -1.44 21.09
CA ARG A 285 1.65 -1.82 19.96
C ARG A 285 0.32 -1.10 20.08
N PRO A 286 -0.40 -0.91 18.96
CA PRO A 286 -1.72 -0.30 19.01
C PRO A 286 -2.67 -0.96 20.02
N ASN A 287 -3.28 -0.16 20.87
CA ASN A 287 -4.26 -0.67 21.83
C ASN A 287 -5.52 -1.20 21.13
N ILE A 288 -6.04 -2.31 21.64
CA ILE A 288 -7.26 -2.89 21.11
C ILE A 288 -8.42 -2.39 21.96
N PRO A 289 -9.35 -1.62 21.34
CA PRO A 289 -10.52 -1.17 22.11
C PRO A 289 -11.27 -2.37 22.64
N ASN A 290 -11.78 -2.24 23.86
CA ASN A 290 -12.40 -3.35 24.53
C ASN A 290 -13.77 -3.70 23.99
N ARG A 291 -14.48 -2.70 23.46
CA ARG A 291 -15.78 -2.91 22.80
C ARG A 291 -15.71 -3.87 21.59
N TRP A 292 -14.53 -4.05 21.01
CA TRP A 292 -14.38 -4.94 19.86
C TRP A 292 -14.73 -6.40 20.21
N PHE A 293 -14.57 -6.74 21.49
CA PHE A 293 -14.73 -8.12 21.94
C PHE A 293 -16.18 -8.58 22.03
N SER A 294 -17.12 -7.64 21.96
CA SER A 294 -18.54 -7.97 21.84
C SER A 294 -18.95 -8.24 20.40
N ASP A 295 -18.05 -8.01 19.45
CA ASP A 295 -18.35 -8.27 18.05
C ASP A 295 -17.47 -9.40 17.50
N PRO A 296 -18.08 -10.38 16.81
CA PRO A 296 -17.31 -11.53 16.34
C PRO A 296 -16.28 -11.16 15.28
N THR A 297 -16.62 -10.21 14.40
CA THR A 297 -15.71 -9.82 13.33
C THR A 297 -14.52 -9.02 13.87
N LEU A 298 -14.78 -8.02 14.71
CA LEU A 298 -13.72 -7.22 15.31
C LEU A 298 -12.79 -8.08 16.18
N THR A 299 -13.35 -9.02 16.93
CA THR A 299 -12.55 -10.01 17.70
C THR A 299 -11.60 -10.76 16.77
N SER A 300 -12.12 -11.30 15.68
CA SER A 300 -11.27 -12.00 14.70
C SER A 300 -10.20 -11.09 14.08
N LEU A 301 -10.57 -9.86 13.74
CA LEU A 301 -9.58 -8.90 13.18
C LEU A 301 -8.49 -8.52 14.20
N ALA A 302 -8.87 -8.38 15.47
CA ALA A 302 -7.90 -8.16 16.55
C ALA A 302 -6.90 -9.29 16.66
N LYS A 303 -7.37 -10.53 16.54
CA LYS A 303 -6.46 -11.68 16.53
C LYS A 303 -5.53 -11.65 15.32
N LEU A 304 -6.07 -11.36 14.15
CA LEU A 304 -5.21 -11.18 12.96
C LEU A 304 -4.13 -10.12 13.20
N MET A 305 -4.54 -8.92 13.63
CA MET A 305 -3.60 -7.85 13.95
C MET A 305 -2.43 -8.33 14.79
N LYS A 306 -2.74 -8.97 15.92
CA LYS A 306 -1.69 -9.49 16.81
C LYS A 306 -0.69 -10.33 16.02
N GLU A 307 -1.20 -11.24 15.21
CA GLU A 307 -0.35 -12.13 14.41
C GLU A 307 0.39 -11.45 13.25
N CYS A 308 0.11 -10.17 13.00
CA CYS A 308 0.93 -9.30 12.14
C CYS A 308 1.97 -8.53 12.94
N TRP A 309 1.81 -8.43 14.26
CA TRP A 309 2.69 -7.56 15.08
C TRP A 309 3.79 -8.23 15.92
N TYR A 310 4.00 -9.51 15.75
CA TYR A 310 5.15 -10.18 16.40
C TYR A 310 6.47 -9.51 16.02
N GLN A 311 7.29 -9.25 17.02
CA GLN A 311 8.63 -8.68 16.85
C GLN A 311 9.50 -9.59 15.99
N ASN A 312 9.35 -10.89 16.22
CA ASN A 312 10.00 -11.87 15.39
C ASN A 312 9.35 -11.86 14.00
N PRO A 313 10.08 -11.39 12.97
CA PRO A 313 9.45 -11.31 11.65
C PRO A 313 8.97 -12.67 11.11
N SER A 314 9.65 -13.74 11.48
CA SER A 314 9.39 -15.07 10.96
C SER A 314 8.14 -15.72 11.53
N ALA A 315 7.62 -15.17 12.63
CA ALA A 315 6.37 -15.65 13.26
C ALA A 315 5.11 -14.98 12.69
N ARG A 316 5.28 -13.97 11.84
CA ARG A 316 4.13 -13.29 11.25
C ARG A 316 3.42 -14.14 10.20
N LEU A 317 2.11 -13.99 10.12
CA LEU A 317 1.30 -14.61 9.04
C LEU A 317 1.72 -14.14 7.66
N THR A 318 1.41 -14.95 6.65
CA THR A 318 1.64 -14.57 5.24
C THR A 318 0.42 -13.83 4.70
N ALA A 319 0.61 -13.15 3.58
CA ALA A 319 -0.49 -12.44 2.91
C ALA A 319 -1.61 -13.41 2.48
N LEU A 320 -1.21 -14.57 2.00
CA LEU A 320 -2.18 -15.59 1.58
C LEU A 320 -2.99 -16.10 2.77
N ARG A 321 -2.32 -16.33 3.90
CA ARG A 321 -3.01 -16.79 5.11
C ARG A 321 -4.03 -15.78 5.61
N ILE A 322 -3.63 -14.51 5.61
CA ILE A 322 -4.52 -13.44 5.94
C ILE A 322 -5.69 -13.38 4.95
N LYS A 323 -5.40 -13.50 3.66
CA LYS A 323 -6.48 -13.57 2.65
C LYS A 323 -7.48 -14.69 2.95
N LYS A 324 -6.97 -15.90 3.16
CA LYS A 324 -7.85 -17.03 3.45
C LYS A 324 -8.63 -16.84 4.76
N THR A 325 -8.01 -16.22 5.75
CA THR A 325 -8.66 -16.03 7.05
C THR A 325 -9.78 -15.00 6.93
N LEU A 326 -9.52 -13.90 6.22
CA LEU A 326 -10.56 -12.87 5.97
C LEU A 326 -11.73 -13.43 5.16
N THR A 327 -11.42 -14.30 4.20
CA THR A 327 -12.46 -14.95 3.39
C THR A 327 -13.33 -15.87 4.27
N LYS A 328 -12.70 -16.54 5.20
CA LYS A 328 -13.45 -17.34 6.19
C LYS A 328 -14.33 -16.45 7.08
N ILE A 329 -13.79 -15.33 7.56
CA ILE A 329 -14.58 -14.41 8.37
C ILE A 329 -15.73 -13.87 7.53
N ASP A 330 -15.45 -13.52 6.28
CA ASP A 330 -16.48 -13.05 5.34
C ASP A 330 -17.62 -14.06 5.17
N ASN A 331 -17.28 -15.35 5.12
CA ASN A 331 -18.29 -16.38 4.95
C ASN A 331 -19.11 -16.71 6.21
N SER A 332 -18.72 -16.17 7.37
CA SER A 332 -19.48 -16.41 8.60
C SER A 332 -20.55 -15.33 8.81
N LEU A 333 -20.51 -14.28 7.99
CA LEU A 333 -21.47 -13.20 8.10
C LEU A 333 -22.87 -13.67 7.73
N ASP A 334 -23.82 -13.38 8.62
CA ASP A 334 -25.20 -13.82 8.47
C ASP A 334 -25.96 -12.76 7.67
#